data_4F50
#
_entry.id   4F50
#
_cell.length_a   124.482
_cell.length_b   124.482
_cell.length_c   70.474
_cell.angle_alpha   90.00
_cell.angle_beta   90.00
_cell.angle_gamma   90.00
#
_symmetry.space_group_name_H-M   'P 41 21 2'
#
loop_
_entity.id
_entity.type
_entity.pdbx_description
1 polymer 'DNA polymerase IV'
2 polymer "DNA (5'-D(*GP*GP*GP*AP*AP*GP*CP*CP*GP*GP*C)-3')"
3 polymer "DNA (5'-D(*CP*CP*GP*CP*CP*T*GP*GP*CP*TP*TP*CP*CP*C)-3')"
4 non-polymer 'CALCIUM ION'
5 water water
#
loop_
_entity_poly.entity_id
_entity_poly.type
_entity_poly.pdbx_seq_one_letter_code
_entity_poly.pdbx_strand_id
1 'polypeptide(L)'
;MIVIFVDFDYFFAQVEEVLNPQYKGKPLVVCVYSGRTKTSGAVATANYEARKLGVKAGMPIIKAMQIAPSAIYVPMRKPI
YEAFSNRIMNLLNKHADKIEVASIDEAYLDVTNKVEGNFENGIELARKIKQEILEKEKITVTVGVAPNKILAKIIADKSK
PNGLGVIRPTEVQDFLNELDIDEIPGIGSVLARRLNELGIQKLRDILSKNYNELEKITGKAKALYLLKLAQNKYSEPVEN
KSKIPHGRIVTMKRNSRNLEEIKPYLFRAIEESYYKLDKRIPKAIHVVAVTEDLDIVSRGRTFPHGISKETAYSESVKLL
QKILEEDERKIRRIGVRFSKFIEAIGLDKFFDTGGHHHHHH
;
A
2 'polydeoxyribonucleotide' (DG)(DG)(DG)(DA)(DA)(DG)(DC)(DC)(DG)(DG)(DC) P
3 'polydeoxyribonucleotide' (DC)(DC)(DG)(DC)(DC)(DT)(DG)(DG)(DC)(DT)(DT)(DC)(DC)(DC) T
#
loop_
_chem_comp.id
_chem_comp.type
_chem_comp.name
_chem_comp.formula
CA non-polymer 'CALCIUM ION' 'Ca 2'
DA DNA linking 2'-DEOXYADENOSINE-5'-MONOPHOSPHATE 'C10 H14 N5 O6 P'
DC DNA linking 2'-DEOXYCYTIDINE-5'-MONOPHOSPHATE 'C9 H14 N3 O7 P'
DG DNA linking 2'-DEOXYGUANOSINE-5'-MONOPHOSPHATE 'C10 H14 N5 O7 P'
DT DNA linking THYMIDINE-5'-MONOPHOSPHATE 'C10 H15 N2 O8 P'
#
# COMPACT_ATOMS: atom_id res chain seq x y z
N MET A 1 -5.13 -21.61 7.68
CA MET A 1 -4.76 -20.77 6.54
C MET A 1 -3.26 -20.59 6.50
N ILE A 2 -2.68 -20.54 5.31
CA ILE A 2 -1.25 -20.34 5.11
C ILE A 2 -0.90 -19.11 4.22
N VAL A 3 -0.51 -18.02 4.86
CA VAL A 3 -0.29 -16.77 4.12
C VAL A 3 1.20 -16.45 4.00
N ILE A 4 1.63 -16.15 2.78
CA ILE A 4 2.93 -15.54 2.53
C ILE A 4 2.75 -14.09 2.09
N PHE A 5 3.34 -13.18 2.85
CA PHE A 5 3.33 -11.78 2.54
C PHE A 5 4.68 -11.47 1.95
N VAL A 6 4.70 -10.76 0.83
CA VAL A 6 5.94 -10.43 0.17
C VAL A 6 6.06 -8.91 0.08
N ASP A 7 7.19 -8.39 0.54
CA ASP A 7 7.43 -6.96 0.60
C ASP A 7 8.73 -6.62 -0.14
N PHE A 8 8.63 -5.86 -1.24
CA PHE A 8 9.83 -5.54 -2.01
C PHE A 8 10.60 -4.46 -1.24
N ASP A 9 11.82 -4.79 -0.82
CA ASP A 9 12.65 -3.87 -0.03
C ASP A 9 12.99 -2.60 -0.83
N TYR A 10 12.61 -1.41 -0.33
CA TYR A 10 13.05 -0.12 -0.87
C TYR A 10 13.02 -0.16 -2.39
N PHE A 11 11.83 -0.50 -2.88
CA PHE A 11 11.62 -1.01 -4.22
C PHE A 11 12.12 -0.03 -5.28
N PHE A 12 11.71 1.24 -5.18
CA PHE A 12 12.08 2.24 -6.21
C PHE A 12 13.59 2.37 -6.33
N ALA A 13 14.29 2.45 -5.21
CA ALA A 13 15.75 2.47 -5.23
C ALA A 13 16.37 1.18 -5.78
N GLN A 14 15.73 0.06 -5.51
CA GLN A 14 16.28 -1.21 -5.93
C GLN A 14 16.18 -1.28 -7.45
N VAL A 15 15.02 -0.90 -7.99
CA VAL A 15 14.82 -0.79 -9.41
C VAL A 15 15.85 0.14 -10.08
N GLU A 16 16.08 1.31 -9.52
CA GLU A 16 17.13 2.19 -10.08
C GLU A 16 18.52 1.52 -10.13
N GLU A 17 18.89 0.74 -9.11
CA GLU A 17 20.23 0.14 -9.07
C GLU A 17 20.32 -1.00 -10.05
N VAL A 18 19.19 -1.67 -10.24
CA VAL A 18 19.14 -2.78 -11.17
C VAL A 18 19.34 -2.21 -12.58
N LEU A 19 18.66 -1.12 -12.86
CA LEU A 19 18.79 -0.43 -14.14
C LEU A 19 20.16 0.22 -14.32
N ASN A 20 20.72 0.78 -13.25
CA ASN A 20 21.98 1.51 -13.34
C ASN A 20 22.96 1.07 -12.28
N PRO A 21 23.69 -0.02 -12.52
CA PRO A 21 24.45 -0.66 -11.45
C PRO A 21 25.56 0.21 -10.87
N GLN A 22 25.84 1.33 -11.52
CA GLN A 22 26.89 2.20 -11.04
C GLN A 22 26.40 2.97 -9.82
N TYR A 23 25.09 2.88 -9.59
CA TYR A 23 24.49 3.45 -8.38
C TYR A 23 24.72 2.57 -7.14
N LYS A 24 24.99 1.29 -7.35
CA LYS A 24 25.24 0.37 -6.22
C LYS A 24 26.42 0.81 -5.34
N GLY A 25 26.22 0.77 -4.03
CA GLY A 25 27.30 1.05 -3.10
C GLY A 25 27.54 2.54 -2.87
N LYS A 26 26.66 3.37 -3.42
CA LYS A 26 26.73 4.81 -3.16
C LYS A 26 25.33 5.24 -2.79
N PRO A 27 25.21 6.37 -2.09
CA PRO A 27 23.85 6.78 -1.74
C PRO A 27 23.05 7.16 -2.97
N LEU A 28 21.79 6.78 -2.94
CA LEU A 28 20.87 7.04 -4.02
C LEU A 28 19.54 7.42 -3.40
N VAL A 29 18.98 8.53 -3.85
CA VAL A 29 17.70 9.02 -3.35
C VAL A 29 16.72 9.23 -4.50
N VAL A 30 15.54 8.61 -4.41
CA VAL A 30 14.50 8.77 -5.43
C VAL A 30 13.51 9.84 -4.99
N CYS A 31 13.24 10.80 -5.87
CA CYS A 31 12.56 12.01 -5.43
C CYS A 31 11.19 12.11 -6.06
N VAL A 32 10.25 12.63 -5.29
CA VAL A 32 8.87 12.81 -5.75
C VAL A 32 8.49 14.26 -5.58
N TYR A 33 7.82 14.80 -6.59
CA TYR A 33 7.41 16.20 -6.59
C TYR A 33 5.88 16.33 -6.64
N SER A 34 5.32 17.24 -5.83
CA SER A 34 3.89 17.59 -5.90
C SER A 34 3.68 19.10 -5.78
N SER A 40 9.32 22.48 -3.70
CA SER A 40 10.31 21.51 -3.25
C SER A 40 9.74 20.08 -3.19
N GLY A 41 10.59 19.11 -3.50
CA GLY A 41 10.18 17.72 -3.51
C GLY A 41 10.51 16.99 -2.23
N ALA A 42 10.22 15.69 -2.22
CA ALA A 42 10.45 14.84 -1.06
C ALA A 42 11.11 13.54 -1.48
N VAL A 43 11.64 12.83 -0.49
CA VAL A 43 12.21 11.50 -0.70
C VAL A 43 11.10 10.46 -0.81
N ALA A 44 11.08 9.74 -1.93
CA ALA A 44 10.20 8.59 -2.07
C ALA A 44 10.91 7.35 -1.55
N THR A 45 12.18 7.21 -1.87
CA THR A 45 12.92 6.05 -1.41
C THR A 45 14.40 6.30 -1.45
N ALA A 46 15.09 5.65 -0.52
CA ALA A 46 16.51 5.81 -0.35
C ALA A 46 17.12 4.43 -0.31
N ASN A 47 18.26 4.25 -0.93
CA ASN A 47 18.91 2.97 -0.85
C ASN A 47 19.64 2.86 0.47
N TYR A 48 20.46 1.82 0.61
CA TYR A 48 20.99 1.46 1.91
C TYR A 48 21.96 2.54 2.39
N GLU A 49 22.98 2.81 1.58
CA GLU A 49 23.97 3.86 1.88
C GLU A 49 23.31 5.21 2.21
N ALA A 50 22.26 5.56 1.49
CA ALA A 50 21.54 6.79 1.76
C ALA A 50 20.82 6.76 3.12
N ARG A 51 20.11 5.68 3.40
CA ARG A 51 19.43 5.47 4.69
C ARG A 51 20.43 5.48 5.84
N LYS A 52 21.56 4.83 5.60
CA LYS A 52 22.63 4.80 6.58
C LYS A 52 23.10 6.22 6.96
N LEU A 53 22.92 7.18 6.06
CA LEU A 53 23.29 8.57 6.39
C LEU A 53 22.14 9.34 7.02
N GLY A 54 20.98 8.71 7.15
CA GLY A 54 19.87 9.38 7.80
C GLY A 54 18.74 9.80 6.89
N VAL A 55 18.85 9.50 5.61
CA VAL A 55 17.81 9.87 4.67
C VAL A 55 16.61 8.92 4.86
N LYS A 56 15.43 9.49 5.10
CA LYS A 56 14.19 8.73 5.32
C LYS A 56 13.11 9.14 4.33
N ALA A 57 12.21 8.21 4.03
CA ALA A 57 11.05 8.50 3.18
C ALA A 57 10.22 9.64 3.78
N GLY A 58 9.77 10.56 2.93
CA GLY A 58 8.98 11.69 3.37
C GLY A 58 9.82 12.92 3.62
N MET A 59 11.09 12.71 3.90
CA MET A 59 12.03 13.81 4.12
C MET A 59 12.12 14.72 2.88
N PRO A 60 11.99 16.04 3.11
CA PRO A 60 12.18 17.05 2.07
C PRO A 60 13.55 16.90 1.42
N ILE A 61 13.61 17.00 0.10
CA ILE A 61 14.88 16.83 -0.60
C ILE A 61 15.91 17.79 -0.04
N ILE A 62 15.49 18.99 0.35
CA ILE A 62 16.41 19.95 0.93
C ILE A 62 17.12 19.44 2.18
N LYS A 63 16.36 18.88 3.12
CA LYS A 63 16.94 18.34 4.33
C LYS A 63 17.82 17.14 4.00
N ALA A 64 17.39 16.31 3.05
CA ALA A 64 18.17 15.15 2.65
C ALA A 64 19.55 15.53 2.15
N MET A 65 19.62 16.57 1.32
CA MET A 65 20.88 16.95 0.71
C MET A 65 21.84 17.42 1.77
N GLN A 66 21.31 18.04 2.80
CA GLN A 66 22.19 18.51 3.86
C GLN A 66 22.55 17.44 4.88
N ILE A 67 22.23 16.18 4.63
CA ILE A 67 22.78 15.10 5.44
C ILE A 67 23.44 14.07 4.52
N ALA A 68 22.99 14.02 3.28
CA ALA A 68 23.63 13.19 2.25
C ALA A 68 24.04 13.99 0.99
N PRO A 69 25.03 14.87 1.12
CA PRO A 69 25.42 15.68 -0.06
C PRO A 69 26.04 14.81 -1.14
N SER A 70 26.62 13.67 -0.76
CA SER A 70 27.22 12.76 -1.72
C SER A 70 26.23 11.85 -2.45
N ALA A 71 24.95 11.96 -2.11
CA ALA A 71 23.96 11.09 -2.71
C ALA A 71 23.63 11.55 -4.11
N ILE A 72 23.21 10.62 -4.94
CA ILE A 72 22.70 10.92 -6.26
C ILE A 72 21.18 10.98 -6.14
N TYR A 73 20.58 12.07 -6.60
CA TYR A 73 19.14 12.26 -6.46
C TYR A 73 18.47 12.10 -7.80
N VAL A 74 17.62 11.09 -7.95
CA VAL A 74 16.97 10.88 -9.23
C VAL A 74 15.49 11.17 -9.18
N PRO A 75 14.90 11.52 -10.33
CA PRO A 75 13.45 11.69 -10.29
C PRO A 75 12.76 10.33 -10.25
N MET A 76 11.53 10.33 -9.75
CA MET A 76 10.74 9.11 -9.73
C MET A 76 10.27 8.77 -11.13
N ARG A 77 10.59 7.56 -11.59
CA ARG A 77 10.10 7.09 -12.88
C ARG A 77 9.05 5.98 -12.67
N LYS A 78 7.83 6.38 -12.30
CA LYS A 78 6.77 5.43 -11.96
C LYS A 78 6.40 4.36 -13.02
N PRO A 79 6.33 4.74 -14.31
CA PRO A 79 5.88 3.71 -15.25
C PRO A 79 6.84 2.52 -15.31
N ILE A 80 8.12 2.78 -15.08
CA ILE A 80 9.07 1.68 -15.14
C ILE A 80 9.04 0.89 -13.83
N TYR A 81 8.71 1.51 -12.70
CA TYR A 81 8.59 0.75 -11.46
C TYR A 81 7.34 -0.12 -11.54
N GLU A 82 6.29 0.40 -12.17
CA GLU A 82 5.09 -0.40 -12.37
C GLU A 82 5.41 -1.59 -13.24
N ALA A 83 6.28 -1.42 -14.22
CA ALA A 83 6.60 -2.57 -15.06
C ALA A 83 7.29 -3.68 -14.26
N PHE A 84 8.21 -3.32 -13.36
CA PHE A 84 8.88 -4.34 -12.55
C PHE A 84 7.90 -5.02 -11.62
N SER A 85 7.12 -4.20 -10.91
CA SER A 85 6.10 -4.70 -10.01
C SER A 85 5.17 -5.67 -10.70
N ASN A 86 4.56 -5.25 -11.81
CA ASN A 86 3.71 -6.12 -12.59
C ASN A 86 4.36 -7.46 -12.90
N ARG A 87 5.65 -7.47 -13.22
CA ARG A 87 6.34 -8.73 -13.54
C ARG A 87 6.45 -9.65 -12.31
N ILE A 88 6.77 -9.04 -11.18
CA ILE A 88 6.94 -9.77 -9.95
C ILE A 88 5.61 -10.28 -9.44
N MET A 89 4.57 -9.47 -9.57
CA MET A 89 3.22 -9.93 -9.24
C MET A 89 2.85 -11.15 -10.07
N ASN A 90 3.20 -11.10 -11.34
CA ASN A 90 2.98 -12.24 -12.22
C ASN A 90 3.83 -13.48 -11.86
N LEU A 91 5.01 -13.29 -11.28
CA LEU A 91 5.75 -14.45 -10.79
C LEU A 91 4.96 -15.02 -9.63
N LEU A 92 4.52 -14.15 -8.75
CA LEU A 92 3.80 -14.56 -7.55
C LEU A 92 2.55 -15.38 -7.81
N ASN A 93 1.65 -14.87 -8.63
CA ASN A 93 0.36 -15.55 -8.77
C ASN A 93 0.45 -16.97 -9.32
N LYS A 94 1.61 -17.32 -9.89
CA LYS A 94 1.87 -18.67 -10.36
C LYS A 94 2.00 -19.64 -9.19
N HIS A 95 2.38 -19.13 -8.03
CA HIS A 95 2.59 -19.97 -6.85
C HIS A 95 1.44 -19.89 -5.85
N ALA A 96 0.34 -19.24 -6.23
CA ALA A 96 -0.67 -18.94 -5.21
C ALA A 96 -2.05 -19.41 -5.60
N ASP A 97 -2.86 -19.75 -4.61
CA ASP A 97 -4.26 -20.06 -4.87
C ASP A 97 -4.98 -18.74 -5.14
N LYS A 98 -4.65 -17.76 -4.30
CA LYS A 98 -5.23 -16.42 -4.35
C LYS A 98 -4.13 -15.41 -4.04
N ILE A 99 -4.15 -14.29 -4.73
CA ILE A 99 -3.18 -13.24 -4.42
C ILE A 99 -3.83 -11.87 -4.29
N GLU A 100 -3.57 -11.24 -3.15
CA GLU A 100 -4.04 -9.88 -2.90
C GLU A 100 -2.89 -8.87 -3.03
N VAL A 101 -2.91 -8.07 -4.08
CA VAL A 101 -1.90 -7.02 -4.28
C VAL A 101 -2.31 -5.85 -3.42
N ALA A 102 -1.47 -5.52 -2.45
CA ALA A 102 -1.85 -4.52 -1.44
C ALA A 102 -1.39 -3.15 -1.87
N SER A 103 -0.34 -3.13 -2.68
CA SER A 103 0.21 -1.92 -3.25
C SER A 103 1.25 -2.32 -4.27
N ILE A 104 1.96 -1.33 -4.80
CA ILE A 104 2.95 -1.58 -5.83
C ILE A 104 4.09 -2.50 -5.34
N ASP A 105 4.34 -2.51 -4.04
CA ASP A 105 5.46 -3.30 -3.53
C ASP A 105 5.06 -4.33 -2.45
N GLU A 106 3.77 -4.66 -2.36
CA GLU A 106 3.27 -5.59 -1.36
C GLU A 106 2.17 -6.47 -1.88
N ALA A 107 2.23 -7.75 -1.50
CA ALA A 107 1.29 -8.75 -1.95
C ALA A 107 1.13 -9.83 -0.88
N TYR A 108 -0.11 -10.28 -0.66
CA TYR A 108 -0.41 -11.42 0.21
C TYR A 108 -0.80 -12.59 -0.66
N LEU A 109 -0.19 -13.74 -0.43
CA LEU A 109 -0.51 -14.95 -1.19
C LEU A 109 -1.13 -15.95 -0.26
N ASP A 110 -2.30 -16.46 -0.64
CA ASP A 110 -2.91 -17.58 0.07
C ASP A 110 -2.43 -18.87 -0.60
N VAL A 111 -1.57 -19.62 0.08
CA VAL A 111 -1.06 -20.86 -0.49
C VAL A 111 -1.55 -22.14 0.23
N THR A 112 -2.58 -21.99 1.07
CA THR A 112 -3.19 -23.10 1.79
C THR A 112 -3.28 -24.38 0.97
N ASN A 113 -4.17 -24.34 -0.01
CA ASN A 113 -4.41 -25.43 -0.93
C ASN A 113 -3.20 -25.81 -1.81
N LYS A 114 -2.14 -25.00 -1.76
CA LYS A 114 -0.96 -25.20 -2.60
C LYS A 114 0.10 -26.08 -1.94
N VAL A 115 0.36 -25.85 -0.67
CA VAL A 115 1.32 -26.66 0.05
C VAL A 115 0.58 -27.78 0.78
N GLU A 116 -0.54 -28.19 0.19
CA GLU A 116 -1.41 -29.20 0.76
C GLU A 116 -1.62 -29.03 2.26
N GLY A 117 -1.73 -27.77 2.70
CA GLY A 117 -2.05 -27.49 4.09
C GLY A 117 -0.90 -27.63 5.08
N ASN A 118 0.29 -27.98 4.61
CA ASN A 118 1.40 -28.06 5.56
C ASN A 118 2.33 -26.83 5.57
N PHE A 119 2.26 -26.12 6.69
CA PHE A 119 3.00 -24.89 6.95
C PHE A 119 4.48 -25.00 6.63
N GLU A 120 5.03 -26.20 6.73
CA GLU A 120 6.46 -26.40 6.50
C GLU A 120 6.81 -26.27 5.04
N ASN A 121 5.98 -26.89 4.19
CA ASN A 121 6.17 -26.75 2.76
C ASN A 121 5.85 -25.35 2.29
N GLY A 122 5.07 -24.63 3.10
CA GLY A 122 4.80 -23.23 2.89
C GLY A 122 6.06 -22.40 3.06
N ILE A 123 6.78 -22.65 4.15
CA ILE A 123 8.02 -21.93 4.41
C ILE A 123 9.00 -22.12 3.26
N GLU A 124 9.05 -23.34 2.74
CA GLU A 124 10.00 -23.64 1.68
C GLU A 124 9.54 -23.00 0.38
N LEU A 125 8.24 -22.96 0.18
CA LEU A 125 7.69 -22.28 -0.97
C LEU A 125 8.14 -20.82 -0.92
N ALA A 126 8.07 -20.21 0.26
CA ALA A 126 8.47 -18.83 0.45
C ALA A 126 9.92 -18.64 0.09
N ARG A 127 10.77 -19.61 0.44
CA ARG A 127 12.18 -19.53 0.08
C ARG A 127 12.36 -19.54 -1.43
N LYS A 128 11.69 -20.47 -2.08
CA LYS A 128 11.74 -20.63 -3.53
C LYS A 128 11.30 -19.36 -4.22
N ILE A 129 10.39 -18.66 -3.56
CA ILE A 129 9.81 -17.45 -4.11
C ILE A 129 10.79 -16.29 -3.98
N LYS A 130 11.44 -16.14 -2.82
CA LYS A 130 12.53 -15.17 -2.69
C LYS A 130 13.63 -15.43 -3.70
N GLN A 131 14.01 -16.69 -3.86
CA GLN A 131 15.10 -17.01 -4.77
C GLN A 131 14.71 -16.75 -6.22
N GLU A 132 13.45 -17.02 -6.57
CA GLU A 132 13.02 -16.86 -7.94
C GLU A 132 13.07 -15.40 -8.38
N ILE A 133 12.40 -14.56 -7.61
CA ILE A 133 12.46 -13.11 -7.80
C ILE A 133 13.90 -12.60 -7.88
N LEU A 134 14.76 -13.11 -7.00
CA LEU A 134 16.15 -12.68 -6.98
C LEU A 134 16.89 -13.11 -8.24
N GLU A 135 16.59 -14.29 -8.76
CA GLU A 135 17.33 -14.80 -9.91
C GLU A 135 16.86 -14.12 -11.17
N LYS A 136 15.54 -14.00 -11.29
CA LYS A 136 14.93 -13.50 -12.51
C LYS A 136 14.87 -11.99 -12.60
N GLU A 137 14.78 -11.31 -11.47
CA GLU A 137 14.59 -9.87 -11.49
C GLU A 137 15.63 -9.11 -10.72
N LYS A 138 16.49 -9.85 -10.02
CA LYS A 138 17.54 -9.25 -9.20
C LYS A 138 16.96 -8.32 -8.14
N ILE A 139 15.69 -8.51 -7.83
CA ILE A 139 15.05 -7.76 -6.76
C ILE A 139 15.08 -8.63 -5.48
N THR A 140 15.59 -8.08 -4.38
CA THR A 140 15.49 -8.77 -3.10
C THR A 140 14.19 -8.37 -2.42
N VAL A 141 13.53 -9.34 -1.81
CA VAL A 141 12.29 -9.07 -1.14
C VAL A 141 12.37 -9.61 0.26
N THR A 142 11.42 -9.19 1.08
CA THR A 142 11.24 -9.76 2.40
C THR A 142 9.93 -10.50 2.38
N VAL A 143 9.90 -11.66 3.03
CA VAL A 143 8.68 -12.44 3.13
C VAL A 143 8.38 -12.82 4.56
N GLY A 144 7.08 -12.86 4.87
CA GLY A 144 6.59 -13.35 6.13
C GLY A 144 5.61 -14.46 5.84
N VAL A 145 5.74 -15.56 6.59
CA VAL A 145 4.88 -16.73 6.48
C VAL A 145 4.16 -16.94 7.81
N ALA A 146 2.83 -16.97 7.79
CA ALA A 146 2.05 -17.08 9.02
C ALA A 146 0.63 -17.57 8.72
N PRO A 147 -0.13 -17.94 9.75
CA PRO A 147 -1.51 -18.38 9.45
C PRO A 147 -2.46 -17.28 8.98
N ASN A 148 -2.15 -16.00 9.23
CA ASN A 148 -2.99 -14.93 8.65
C ASN A 148 -2.24 -13.73 8.08
N LYS A 149 -3.00 -12.90 7.37
CA LYS A 149 -2.46 -11.72 6.72
C LYS A 149 -1.75 -10.82 7.72
N ILE A 150 -2.38 -10.56 8.86
CA ILE A 150 -1.80 -9.61 9.80
C ILE A 150 -0.50 -10.13 10.42
N LEU A 151 -0.47 -11.40 10.79
CA LEU A 151 0.74 -11.93 11.41
C LEU A 151 1.85 -11.96 10.38
N ALA A 152 1.48 -12.33 9.16
CA ALA A 152 2.45 -12.45 8.06
C ALA A 152 3.18 -11.11 7.84
N LYS A 153 2.46 -10.01 7.92
CA LYS A 153 3.02 -8.68 7.75
C LYS A 153 3.93 -8.30 8.91
N ILE A 154 3.45 -8.54 10.13
CA ILE A 154 4.15 -8.13 11.35
C ILE A 154 5.52 -8.77 11.44
N ILE A 155 5.57 -10.07 11.17
CA ILE A 155 6.80 -10.83 11.25
C ILE A 155 7.68 -10.51 10.05
N ALA A 156 7.06 -10.11 8.95
CA ALA A 156 7.81 -9.67 7.79
C ALA A 156 8.59 -8.41 8.14
N ASP A 157 7.91 -7.42 8.72
CA ASP A 157 8.56 -6.18 9.10
C ASP A 157 9.63 -6.39 10.18
N LYS A 158 9.49 -7.44 10.99
CA LYS A 158 10.52 -7.76 11.96
C LYS A 158 11.73 -8.38 11.32
N SER A 159 11.58 -8.83 10.09
CA SER A 159 12.66 -9.56 9.43
C SER A 159 13.41 -8.75 8.39
N LYS A 160 13.03 -7.48 8.21
CA LYS A 160 13.72 -6.59 7.26
C LYS A 160 15.22 -6.49 7.57
N PRO A 161 16.04 -6.38 6.52
CA PRO A 161 15.61 -6.53 5.12
C PRO A 161 16.13 -7.84 4.50
N ASN A 162 15.65 -8.18 3.31
CA ASN A 162 16.00 -9.42 2.62
C ASN A 162 15.77 -10.64 3.53
N GLY A 163 14.68 -10.60 4.28
CA GLY A 163 14.47 -11.60 5.30
C GLY A 163 13.39 -12.59 4.98
N LEU A 164 13.26 -13.57 5.86
CA LEU A 164 12.16 -14.50 5.80
C LEU A 164 11.76 -14.72 7.24
N GLY A 165 10.60 -14.18 7.61
CA GLY A 165 10.08 -14.30 8.96
C GLY A 165 8.98 -15.36 9.00
N VAL A 166 8.83 -16.03 10.15
CA VAL A 166 7.93 -17.19 10.26
C VAL A 166 7.22 -17.29 11.62
N ILE A 167 5.90 -17.45 11.60
CA ILE A 167 5.13 -17.78 12.81
C ILE A 167 4.29 -19.01 12.58
N ARG A 168 4.74 -20.13 13.14
CA ARG A 168 4.09 -21.42 13.01
C ARG A 168 2.79 -21.40 13.77
N PRO A 169 1.77 -22.11 13.25
CA PRO A 169 0.45 -22.19 13.88
C PRO A 169 0.58 -22.56 15.34
N THR A 170 1.60 -23.34 15.65
CA THR A 170 1.91 -23.75 17.02
C THR A 170 2.40 -22.56 17.85
N GLU A 171 2.94 -21.56 17.17
CA GLU A 171 3.60 -20.44 17.84
C GLU A 171 2.70 -19.22 17.94
N VAL A 172 1.57 -19.27 17.25
CA VAL A 172 0.73 -18.09 17.07
C VAL A 172 0.33 -17.46 18.39
N GLN A 173 -0.22 -18.27 19.27
CA GLN A 173 -0.69 -17.80 20.58
C GLN A 173 0.44 -17.23 21.42
N ASP A 174 1.55 -17.95 21.50
CA ASP A 174 2.68 -17.47 22.26
C ASP A 174 3.19 -16.17 21.64
N PHE A 175 3.15 -16.07 20.31
CA PHE A 175 3.60 -14.85 19.63
C PHE A 175 2.70 -13.67 19.92
N LEU A 176 1.41 -13.87 19.72
CA LEU A 176 0.39 -12.85 19.96
C LEU A 176 0.54 -12.29 21.36
N ASN A 177 0.78 -13.19 22.30
CA ASN A 177 0.94 -12.84 23.71
C ASN A 177 2.02 -11.78 24.01
N GLU A 178 3.28 -12.04 23.63
CA GLU A 178 4.38 -11.12 23.92
C GLU A 178 4.47 -9.89 23.01
N LEU A 179 3.41 -9.62 22.26
CA LEU A 179 3.44 -8.56 21.24
C LEU A 179 3.04 -7.19 21.80
N ASP A 180 3.97 -6.23 21.73
CA ASP A 180 3.69 -4.87 22.19
C ASP A 180 2.51 -4.26 21.43
N ILE A 181 1.83 -3.31 22.05
CA ILE A 181 0.59 -2.79 21.49
C ILE A 181 0.88 -1.89 20.30
N ASP A 182 2.02 -1.21 20.33
CA ASP A 182 2.37 -0.29 19.26
C ASP A 182 2.78 -1.03 17.98
N GLU A 183 3.05 -2.32 18.09
CA GLU A 183 3.45 -3.09 16.93
C GLU A 183 2.25 -3.57 16.11
N ILE A 184 1.07 -3.21 16.58
CA ILE A 184 -0.18 -3.70 16.01
C ILE A 184 -0.77 -2.66 15.08
N PRO A 185 -1.06 -3.05 13.83
CA PRO A 185 -1.63 -2.13 12.84
C PRO A 185 -2.88 -1.46 13.40
N GLY A 186 -3.05 -0.18 13.09
CA GLY A 186 -4.19 0.59 13.59
C GLY A 186 -3.82 1.30 14.89
N ILE A 187 -2.78 0.82 15.54
CA ILE A 187 -2.33 1.39 16.80
C ILE A 187 -1.13 2.29 16.54
N GLY A 188 -1.40 3.59 16.45
CA GLY A 188 -0.38 4.57 16.15
C GLY A 188 0.24 5.06 17.43
N SER A 189 0.68 6.31 17.47
CA SER A 189 1.37 6.83 18.66
C SER A 189 0.40 7.42 19.67
N VAL A 190 -0.60 8.12 19.19
CA VAL A 190 -1.53 8.80 20.07
C VAL A 190 -2.28 7.82 20.98
N LEU A 191 -2.66 6.67 20.43
CA LEU A 191 -3.50 5.75 21.18
C LEU A 191 -2.71 4.60 21.79
N ALA A 192 -1.50 4.37 21.31
CA ALA A 192 -0.61 3.50 22.07
C ALA A 192 -0.33 4.21 23.39
N ARG A 193 -0.02 5.50 23.28
CA ARG A 193 0.30 6.34 24.43
C ARG A 193 -0.69 6.19 25.59
N ARG A 194 -1.97 6.07 25.23
CA ARG A 194 -3.04 6.09 26.20
C ARG A 194 -3.63 4.72 26.47
N LEU A 195 -3.28 3.74 25.64
CA LEU A 195 -3.53 2.36 26.02
C LEU A 195 -2.51 2.01 27.11
N ASN A 196 -1.32 2.60 27.00
CA ASN A 196 -0.29 2.49 28.02
C ASN A 196 -0.75 3.14 29.33
N GLU A 197 -1.39 4.30 29.21
CA GLU A 197 -1.88 5.01 30.39
C GLU A 197 -2.95 4.22 31.12
N LEU A 198 -3.52 3.24 30.43
CA LEU A 198 -4.53 2.38 31.03
C LEU A 198 -3.94 1.02 31.41
N GLY A 199 -2.62 0.90 31.32
CA GLY A 199 -1.94 -0.31 31.76
C GLY A 199 -1.76 -1.37 30.68
N ILE A 200 -2.21 -1.06 29.46
CA ILE A 200 -2.05 -1.98 28.35
C ILE A 200 -0.69 -1.80 27.68
N GLN A 201 0.20 -2.75 27.91
CA GLN A 201 1.56 -2.68 27.39
C GLN A 201 1.74 -3.66 26.23
N LYS A 202 1.07 -4.81 26.34
CA LYS A 202 1.15 -5.84 25.32
C LYS A 202 -0.26 -6.22 24.90
N LEU A 203 -0.37 -6.86 23.75
CA LEU A 203 -1.68 -7.26 23.23
C LEU A 203 -2.47 -8.16 24.20
N ARG A 204 -1.78 -8.96 25.01
CA ARG A 204 -2.45 -9.85 25.97
C ARG A 204 -3.24 -9.09 27.03
N ASP A 205 -2.79 -7.87 27.34
CA ASP A 205 -3.42 -7.06 28.36
C ASP A 205 -4.84 -6.65 27.95
N ILE A 206 -5.10 -6.69 26.66
CA ILE A 206 -6.43 -6.48 26.10
C ILE A 206 -7.45 -7.45 26.71
N LEU A 207 -7.03 -8.68 26.95
CA LEU A 207 -7.93 -9.72 27.48
C LEU A 207 -8.36 -9.41 28.91
N SER A 208 -7.49 -8.74 29.64
CA SER A 208 -7.71 -8.51 31.06
C SER A 208 -8.07 -7.06 31.32
N LYS A 209 -9.11 -6.57 30.65
CA LYS A 209 -9.45 -5.14 30.75
C LYS A 209 -10.93 -4.83 30.64
N ASN A 210 -11.32 -3.70 31.22
CA ASN A 210 -12.66 -3.17 31.06
C ASN A 210 -12.90 -2.81 29.58
N TYR A 211 -13.77 -3.59 28.93
CA TYR A 211 -14.06 -3.43 27.50
C TYR A 211 -14.72 -2.10 27.19
N ASN A 212 -15.21 -1.42 28.22
CA ASN A 212 -15.86 -0.13 28.04
C ASN A 212 -14.88 1.05 28.20
N GLU A 213 -13.98 0.95 29.18
CA GLU A 213 -12.97 1.99 29.37
C GLU A 213 -12.03 1.98 28.19
N LEU A 214 -11.86 0.79 27.63
CA LEU A 214 -11.10 0.60 26.40
C LEU A 214 -11.83 1.26 25.25
N GLU A 215 -13.06 0.81 25.02
CA GLU A 215 -13.85 1.20 23.85
C GLU A 215 -13.91 2.71 23.66
N LYS A 216 -13.99 3.45 24.76
CA LYS A 216 -14.20 4.90 24.70
C LYS A 216 -13.02 5.68 24.08
N ILE A 217 -11.87 5.03 23.96
CA ILE A 217 -10.72 5.71 23.36
C ILE A 217 -10.31 5.11 22.02
N THR A 218 -10.55 3.81 21.86
CA THR A 218 -10.18 3.09 20.64
C THR A 218 -11.27 3.13 19.57
N GLY A 219 -12.52 2.99 20.00
CA GLY A 219 -13.62 2.85 19.08
C GLY A 219 -14.10 1.41 19.12
N LYS A 220 -15.38 1.23 18.80
CA LYS A 220 -16.03 -0.08 18.84
C LYS A 220 -15.32 -1.11 17.98
N ALA A 221 -15.16 -0.78 16.70
CA ALA A 221 -14.66 -1.71 15.70
C ALA A 221 -13.22 -2.11 15.97
N LYS A 222 -12.47 -1.20 16.57
CA LYS A 222 -11.06 -1.46 16.83
C LYS A 222 -10.85 -2.20 18.15
N ALA A 223 -11.71 -1.93 19.13
CA ALA A 223 -11.72 -2.70 20.36
C ALA A 223 -12.00 -4.15 20.01
N LEU A 224 -12.96 -4.35 19.11
CA LEU A 224 -13.31 -5.68 18.66
C LEU A 224 -12.09 -6.33 18.04
N TYR A 225 -11.56 -5.64 17.05
CA TYR A 225 -10.33 -5.98 16.37
C TYR A 225 -9.25 -6.47 17.32
N LEU A 226 -8.95 -5.68 18.34
CA LEU A 226 -7.89 -6.02 19.25
C LEU A 226 -8.24 -7.28 20.05
N LEU A 227 -9.47 -7.36 20.55
CA LEU A 227 -9.92 -8.54 21.28
C LEU A 227 -9.76 -9.78 20.41
N LYS A 228 -10.35 -9.74 19.22
CA LYS A 228 -10.34 -10.88 18.30
C LYS A 228 -8.92 -11.27 17.94
N LEU A 229 -8.09 -10.24 17.77
CA LEU A 229 -6.68 -10.45 17.52
C LEU A 229 -6.01 -11.11 18.70
N ALA A 230 -6.27 -10.56 19.88
CA ALA A 230 -5.63 -11.01 21.11
C ALA A 230 -5.99 -12.44 21.48
N GLN A 231 -6.94 -13.04 20.80
CA GLN A 231 -7.29 -14.42 21.15
C GLN A 231 -7.26 -15.36 19.95
N ASN A 232 -6.45 -14.98 18.97
CA ASN A 232 -6.26 -15.78 17.77
C ASN A 232 -7.58 -16.13 17.07
N LYS A 233 -8.57 -15.26 17.26
CA LYS A 233 -9.87 -15.44 16.60
C LYS A 233 -10.01 -14.42 15.48
N TYR A 234 -8.92 -13.71 15.19
CA TYR A 234 -8.91 -12.80 14.06
C TYR A 234 -8.52 -13.55 12.79
N SER A 235 -9.33 -13.40 11.75
CA SER A 235 -8.96 -13.95 10.45
C SER A 235 -9.78 -13.33 9.34
N GLU A 236 -9.12 -12.55 8.50
CA GLU A 236 -9.73 -12.07 7.26
C GLU A 236 -9.00 -12.76 6.14
N PRO A 237 -9.74 -13.20 5.12
CA PRO A 237 -9.12 -13.98 4.05
C PRO A 237 -8.34 -13.14 3.07
N VAL A 238 -7.42 -13.79 2.39
CA VAL A 238 -6.74 -13.19 1.27
C VAL A 238 -7.72 -13.13 0.13
N GLU A 239 -8.17 -11.93 -0.22
CA GLU A 239 -9.05 -11.77 -1.36
C GLU A 239 -8.19 -11.77 -2.62
N ASN A 240 -8.64 -12.46 -3.66
CA ASN A 240 -7.92 -12.46 -4.92
C ASN A 240 -8.24 -11.20 -5.74
N LYS A 241 -7.39 -10.20 -5.62
CA LYS A 241 -7.64 -8.88 -6.22
C LYS A 241 -6.41 -7.98 -6.10
N SER A 242 -6.58 -6.73 -6.53
CA SER A 242 -5.54 -5.70 -6.45
C SER A 242 -6.10 -4.40 -5.89
N LYS A 243 -5.45 -3.85 -4.87
CA LYS A 243 -5.94 -2.62 -4.26
C LYS A 243 -5.33 -1.37 -4.91
N ILE A 244 -4.50 -1.55 -5.93
CA ILE A 244 -3.86 -0.39 -6.54
C ILE A 244 -4.88 0.43 -7.33
N PRO A 245 -5.06 1.70 -6.94
CA PRO A 245 -6.03 2.59 -7.58
C PRO A 245 -5.83 2.63 -9.08
N HIS A 246 -6.91 2.55 -9.84
CA HIS A 246 -6.80 2.68 -11.28
C HIS A 246 -7.48 3.95 -11.83
N GLY A 247 -6.84 4.58 -12.81
CA GLY A 247 -7.47 5.68 -13.52
C GLY A 247 -6.49 6.50 -14.33
N ARG A 248 -7.02 7.41 -15.14
CA ARG A 248 -6.18 8.28 -15.95
C ARG A 248 -6.67 9.73 -15.90
N ILE A 249 -5.72 10.66 -16.00
CA ILE A 249 -6.02 12.09 -16.06
C ILE A 249 -5.64 12.69 -17.43
N VAL A 250 -6.64 13.20 -18.15
CA VAL A 250 -6.41 13.72 -19.49
C VAL A 250 -6.21 15.24 -19.52
N THR A 251 -5.16 15.68 -20.21
CA THR A 251 -4.90 17.10 -20.41
C THR A 251 -5.96 17.71 -21.35
N MET A 252 -6.40 18.91 -21.02
CA MET A 252 -7.44 19.58 -21.82
C MET A 252 -6.87 20.46 -22.94
N LYS A 253 -7.75 20.92 -23.83
CA LYS A 253 -7.34 21.90 -24.83
C LYS A 253 -6.77 23.14 -24.16
N ARG A 254 -7.46 23.62 -23.14
CA ARG A 254 -7.07 24.84 -22.45
C ARG A 254 -7.66 24.89 -21.05
N ASN A 255 -7.07 25.75 -20.22
CA ASN A 255 -7.64 26.11 -18.93
C ASN A 255 -9.15 26.31 -19.01
N SER A 256 -9.86 25.92 -17.95
CA SER A 256 -11.30 26.11 -17.89
C SER A 256 -11.83 25.94 -16.48
N ARG A 257 -12.85 26.73 -16.15
CA ARG A 257 -13.58 26.56 -14.90
C ARG A 257 -15.04 26.39 -15.25
N ASN A 258 -15.31 26.08 -16.51
CA ASN A 258 -16.68 25.91 -16.94
C ASN A 258 -17.08 24.44 -16.95
N LEU A 259 -18.14 24.14 -16.21
CA LEU A 259 -18.59 22.77 -15.99
C LEU A 259 -18.85 22.04 -17.30
N GLU A 260 -19.45 22.74 -18.26
CA GLU A 260 -19.83 22.13 -19.53
C GLU A 260 -18.66 21.95 -20.48
N GLU A 261 -17.60 22.74 -20.29
CA GLU A 261 -16.39 22.58 -21.09
C GLU A 261 -15.61 21.38 -20.57
N ILE A 262 -15.65 21.18 -19.27
CA ILE A 262 -14.92 20.09 -18.65
C ILE A 262 -15.69 18.78 -18.77
N LYS A 263 -16.99 18.80 -18.49
CA LYS A 263 -17.85 17.60 -18.52
C LYS A 263 -17.53 16.47 -19.51
N PRO A 264 -17.33 16.79 -20.81
CA PRO A 264 -17.04 15.69 -21.73
C PRO A 264 -15.64 15.09 -21.52
N TYR A 265 -14.67 15.93 -21.17
CA TYR A 265 -13.31 15.51 -20.89
C TYR A 265 -13.31 14.51 -19.75
N LEU A 266 -14.09 14.83 -18.72
CA LEU A 266 -14.28 13.97 -17.58
C LEU A 266 -15.02 12.71 -17.99
N PHE A 267 -15.99 12.86 -18.89
CA PHE A 267 -16.76 11.73 -19.37
C PHE A 267 -15.91 10.76 -20.19
N ARG A 268 -14.97 11.29 -20.96
CA ARG A 268 -14.11 10.45 -21.78
C ARG A 268 -13.05 9.69 -20.95
N ALA A 269 -12.67 10.23 -19.80
CA ALA A 269 -11.72 9.54 -18.93
C ALA A 269 -12.39 8.34 -18.29
N ILE A 270 -13.71 8.40 -18.14
CA ILE A 270 -14.49 7.25 -17.71
C ILE A 270 -14.67 6.28 -18.90
N GLU A 271 -13.65 6.19 -19.74
CA GLU A 271 -13.60 5.24 -20.84
C GLU A 271 -12.16 4.76 -20.96
N GLU A 272 -11.26 5.70 -21.27
CA GLU A 272 -9.83 5.43 -21.45
C GLU A 272 -9.22 4.63 -20.29
N SER A 273 -9.77 4.81 -19.09
CA SER A 273 -9.34 4.03 -17.94
C SER A 273 -10.22 2.79 -17.82
N TYR A 274 -11.54 3.00 -17.87
CA TYR A 274 -12.55 1.96 -17.64
C TYR A 274 -12.41 0.71 -18.49
N TYR A 275 -11.92 0.86 -19.73
CA TYR A 275 -11.62 -0.29 -20.57
C TYR A 275 -10.49 -1.11 -19.92
N LYS A 276 -9.43 -0.40 -19.54
CA LYS A 276 -8.27 -1.01 -18.91
C LYS A 276 -8.58 -1.54 -17.50
N LEU A 277 -9.75 -1.16 -16.97
CA LEU A 277 -10.14 -1.57 -15.63
C LEU A 277 -10.44 -3.07 -15.57
N ASP A 278 -10.97 -3.60 -16.67
CA ASP A 278 -11.29 -5.03 -16.79
C ASP A 278 -12.28 -5.53 -15.74
N LYS A 279 -11.98 -6.74 -15.23
CA LYS A 279 -12.90 -7.46 -14.38
C LYS A 279 -13.24 -6.76 -13.06
N ARG A 280 -12.28 -6.07 -12.47
CA ARG A 280 -12.47 -5.54 -11.13
C ARG A 280 -13.42 -4.36 -11.07
N ILE A 281 -14.08 -4.22 -9.92
CA ILE A 281 -15.25 -3.37 -9.75
C ILE A 281 -15.04 -2.47 -8.53
N PRO A 282 -15.01 -1.14 -8.76
CA PRO A 282 -14.68 -0.14 -7.72
C PRO A 282 -15.85 0.14 -6.77
N LYS A 283 -15.54 0.57 -5.55
CA LYS A 283 -16.56 1.05 -4.62
C LYS A 283 -16.36 2.52 -4.34
N ALA A 284 -15.28 3.06 -4.89
CA ALA A 284 -14.95 4.46 -4.69
C ALA A 284 -14.64 5.13 -6.02
N ILE A 285 -15.16 6.34 -6.17
CA ILE A 285 -14.90 7.20 -7.33
C ILE A 285 -14.15 8.47 -6.92
N HIS A 286 -13.10 8.80 -7.66
CA HIS A 286 -12.45 10.09 -7.44
C HIS A 286 -12.29 10.85 -8.73
N VAL A 287 -12.85 12.05 -8.78
CA VAL A 287 -12.54 12.95 -9.88
C VAL A 287 -11.30 13.73 -9.50
N VAL A 288 -10.25 13.63 -10.31
CA VAL A 288 -9.03 14.36 -10.03
C VAL A 288 -8.82 15.56 -10.97
N ALA A 289 -8.72 16.75 -10.39
CA ALA A 289 -8.53 17.96 -11.17
C ALA A 289 -7.15 18.52 -10.87
N VAL A 290 -6.35 18.71 -11.92
CA VAL A 290 -5.03 19.29 -11.68
C VAL A 290 -4.97 20.69 -12.25
N THR A 291 -4.81 21.65 -11.35
CA THR A 291 -4.95 23.05 -11.70
C THR A 291 -3.91 23.51 -12.73
N GLU A 292 -4.09 24.70 -13.29
CA GLU A 292 -3.07 25.28 -14.15
C GLU A 292 -1.82 25.45 -13.30
N ASP A 293 -2.04 25.68 -12.01
CA ASP A 293 -1.02 25.68 -10.98
C ASP A 293 -0.35 24.30 -10.78
N LEU A 294 -0.98 23.25 -11.31
CA LEU A 294 -0.53 21.84 -11.15
C LEU A 294 -0.80 21.26 -9.75
N ASP A 295 -1.52 21.99 -8.91
CA ASP A 295 -1.98 21.48 -7.64
C ASP A 295 -3.02 20.43 -7.94
N ILE A 296 -3.19 19.48 -7.02
CA ILE A 296 -4.19 18.43 -7.19
C ILE A 296 -5.41 18.77 -6.36
N VAL A 297 -6.56 18.85 -7.02
CA VAL A 297 -7.83 19.03 -6.33
C VAL A 297 -8.73 17.83 -6.61
N SER A 298 -9.03 17.05 -5.57
CA SER A 298 -9.82 15.83 -5.74
C SER A 298 -11.04 15.76 -4.81
N ARG A 299 -12.14 15.24 -5.36
CA ARG A 299 -13.33 14.94 -4.57
C ARG A 299 -13.68 13.48 -4.74
N GLY A 300 -13.50 12.72 -3.67
CA GLY A 300 -13.86 11.31 -3.70
C GLY A 300 -15.14 11.05 -2.95
N ARG A 301 -15.90 10.07 -3.42
CA ARG A 301 -17.02 9.58 -2.65
C ARG A 301 -16.99 8.04 -2.52
N THR A 302 -17.60 7.52 -1.47
CA THR A 302 -17.56 6.08 -1.18
C THR A 302 -18.97 5.49 -1.15
N PHE A 303 -19.19 4.41 -1.91
CA PHE A 303 -20.50 3.78 -2.02
C PHE A 303 -20.44 2.27 -1.87
N PRO A 304 -21.12 1.72 -0.85
CA PRO A 304 -21.19 0.27 -0.63
C PRO A 304 -22.00 -0.43 -1.74
N HIS A 305 -21.39 -0.43 -2.91
CA HIS A 305 -21.95 -0.94 -4.15
C HIS A 305 -20.85 -0.80 -5.19
N GLY A 306 -20.76 -1.74 -6.10
CA GLY A 306 -19.83 -1.61 -7.21
C GLY A 306 -20.15 -0.42 -8.09
N ILE A 307 -19.48 -0.28 -9.22
CA ILE A 307 -19.70 0.90 -10.05
C ILE A 307 -19.88 0.54 -11.53
N SER A 308 -21.12 0.63 -12.00
CA SER A 308 -21.44 0.46 -13.42
C SER A 308 -20.98 1.72 -14.12
N LYS A 309 -20.83 1.66 -15.44
CA LYS A 309 -20.37 2.80 -16.22
C LYS A 309 -21.17 4.06 -15.88
N GLU A 310 -22.47 3.88 -15.65
CA GLU A 310 -23.38 4.98 -15.38
C GLU A 310 -23.30 5.52 -13.95
N THR A 311 -23.01 4.63 -13.00
CA THR A 311 -22.97 5.06 -11.60
C THR A 311 -21.81 6.02 -11.42
N ALA A 312 -20.84 5.90 -12.32
CA ALA A 312 -19.70 6.82 -12.40
C ALA A 312 -20.19 8.20 -12.84
N TYR A 313 -20.67 8.29 -14.08
CA TYR A 313 -21.18 9.54 -14.66
C TYR A 313 -22.05 10.33 -13.70
N SER A 314 -23.07 9.65 -13.16
CA SER A 314 -24.03 10.26 -12.24
C SER A 314 -23.35 10.96 -11.06
N GLU A 315 -22.35 10.30 -10.49
CA GLU A 315 -21.62 10.86 -9.35
C GLU A 315 -20.35 11.58 -9.80
N SER A 316 -19.96 11.37 -11.05
CA SER A 316 -18.78 12.01 -11.61
C SER A 316 -18.92 13.51 -11.65
N VAL A 317 -19.81 13.98 -12.52
CA VAL A 317 -20.07 15.41 -12.70
C VAL A 317 -20.47 16.05 -11.38
N LYS A 318 -21.19 15.29 -10.56
CA LYS A 318 -21.59 15.74 -9.23
C LYS A 318 -20.36 16.13 -8.43
N LEU A 319 -19.31 15.29 -8.50
CA LEU A 319 -18.06 15.57 -7.79
C LEU A 319 -17.24 16.64 -8.49
N LEU A 320 -17.32 16.69 -9.82
CA LEU A 320 -16.66 17.75 -10.60
C LEU A 320 -17.25 19.10 -10.22
N GLN A 321 -18.58 19.12 -10.06
CA GLN A 321 -19.29 20.28 -9.55
C GLN A 321 -18.64 20.72 -8.26
N LYS A 322 -18.71 19.84 -7.27
CA LYS A 322 -18.15 20.09 -5.95
C LYS A 322 -16.76 20.72 -5.99
N ILE A 323 -15.89 20.24 -6.88
CA ILE A 323 -14.54 20.78 -7.02
C ILE A 323 -14.57 22.25 -7.47
N LEU A 324 -15.27 22.49 -8.58
CA LEU A 324 -15.44 23.83 -9.11
C LEU A 324 -16.13 24.74 -8.11
N GLU A 325 -17.03 24.15 -7.32
CA GLU A 325 -17.86 24.91 -6.39
C GLU A 325 -17.11 25.24 -5.12
N GLU A 326 -15.86 24.81 -5.02
CA GLU A 326 -15.08 25.06 -3.80
C GLU A 326 -13.71 25.69 -4.04
N ASP A 327 -13.04 25.29 -5.12
CA ASP A 327 -11.76 25.89 -5.43
C ASP A 327 -11.92 26.96 -6.50
N GLU A 328 -11.02 27.94 -6.48
CA GLU A 328 -11.08 29.08 -7.39
C GLU A 328 -10.03 28.97 -8.51
N ARG A 329 -9.00 28.16 -8.27
CA ARG A 329 -7.97 27.92 -9.26
C ARG A 329 -8.51 27.48 -10.62
N LYS A 330 -7.73 27.75 -11.65
CA LYS A 330 -8.07 27.35 -13.00
C LYS A 330 -7.68 25.90 -13.16
N ILE A 331 -8.45 25.15 -13.95
CA ILE A 331 -8.19 23.70 -14.14
C ILE A 331 -7.65 23.42 -15.54
N ARG A 332 -6.51 22.72 -15.61
CA ARG A 332 -5.87 22.39 -16.87
C ARG A 332 -6.11 20.92 -17.26
N ARG A 333 -6.01 20.01 -16.29
CA ARG A 333 -6.31 18.60 -16.58
C ARG A 333 -7.36 18.03 -15.64
N ILE A 334 -8.18 17.15 -16.18
CA ILE A 334 -9.24 16.50 -15.41
C ILE A 334 -9.16 14.99 -15.63
N GLY A 335 -9.54 14.22 -14.62
CA GLY A 335 -9.42 12.78 -14.70
C GLY A 335 -10.20 12.05 -13.64
N VAL A 336 -10.03 10.74 -13.64
CA VAL A 336 -10.79 9.89 -12.74
C VAL A 336 -9.88 8.85 -12.08
N ARG A 337 -10.18 8.53 -10.83
CA ARG A 337 -9.49 7.46 -10.10
C ARG A 337 -10.50 6.51 -9.48
N PHE A 338 -10.34 5.22 -9.73
CA PHE A 338 -11.18 4.21 -9.11
C PHE A 338 -10.40 3.41 -8.06
N SER A 339 -11.06 3.12 -6.94
CA SER A 339 -10.43 2.31 -5.90
C SER A 339 -11.45 1.39 -5.21
N LYS A 340 -11.03 0.76 -4.11
CA LYS A 340 -11.87 -0.19 -3.36
C LYS A 340 -12.52 -1.26 -4.21
N PHE A 341 -11.70 -2.07 -4.87
CA PHE A 341 -12.20 -3.10 -5.78
C PHE A 341 -12.70 -4.35 -5.05
N ILE A 342 -13.08 -5.36 -5.83
CA ILE A 342 -13.56 -6.64 -5.33
C ILE A 342 -13.02 -7.79 -6.19
CA CA D . 6.77 -1.51 3.69
#